data_8RUI
#
_entry.id   8RUI
#
_cell.length_a   89.785
_cell.length_b   94.981
_cell.length_c   227.099
_cell.angle_alpha   90.00
_cell.angle_beta   90.00
_cell.angle_gamma   90.00
#
_symmetry.space_group_name_H-M   'P 21 21 21'
#
loop_
_entity.id
_entity.type
_entity.pdbx_description
1 polymer 'Domains 1-5'
2 non-polymer 'MAGNESIUM ION'
3 non-polymer 'POTASSIUM ION'
4 non-polymer ~{N}-(2-pyrrolidin-1-ylethyl)-2-[3,4,5-tris(oxidanyl)phenyl]carbonyl-1-benzofuran-5-carboxamide
5 water water
#
_entity_poly.entity_id   1
_entity_poly.type   'polyribonucleotide'
_entity_poly.pdbx_seq_one_letter_code
;GUGUGCCCGGCAUGGGUGCAGUCUAUAGGGUGAGAGUCCCGAACUGUGAAGGCAGAAGUAACAGUUAGCCUAACGCAAGG
GUGUCCGUGGCGACAUGGAAUCUGAAGGAAGCGGACGGCAAACCUUCGGUCUGAGGAACACGAACUUCAUAUGAGGCUAG
GUAUCAAUGGAUGAGUUUGCAUAACAAAACAAAGUCCUUUCUGCCAAAGUUGGUACAGAGUAAAUGAAGCAGAUUGAUGA
AGGGAAAGACUGCAUUCUUACCCGGGGAGGUCUGGAAACAGAAGUCAGCAGAAGUCAUAGUACCCUGUUCGCAGGGGAAG
GACGGAACAAGUAUGGCGUUCGCGCCUAAGCUUGAACCGCCGUAUACCGAACGGUACGUACGGUGGUGUGG
;
_entity_poly.pdbx_strand_id   A
#